data_5AQH
#
_entry.id   5AQH
#
_cell.length_a   115.310
_cell.length_b   40.840
_cell.length_c   129.600
_cell.angle_alpha   90.00
_cell.angle_beta   113.72
_cell.angle_gamma   90.00
#
_symmetry.space_group_name_H-M   'C 1 2 1'
#
loop_
_entity.id
_entity.type
_entity.pdbx_description
1 polymer 'HEAT SHOCK COGNATE 71 KDA PROTEIN'
2 polymer 'BAG FAMILY MOLECULAR CHAPERONE REGULATOR 1'
3 non-polymer 5-methyl-1,5-dihydro-1,4,5,6,8-pentaazaacenaphthylen-3-amine
4 non-polymer GLYCEROL
5 non-polymer 'DIMETHYL SULFOXIDE'
6 water water
#
loop_
_entity_poly.entity_id
_entity_poly.type
_entity_poly.pdbx_seq_one_letter_code
_entity_poly.pdbx_strand_id
1 'polypeptide(L)'
;GPLGSMSKGPAVGIDLGTTYSCVGVFQHGKVEIIANDQGNRTTPSYVAFTDTERLIGDAAKNQVAMNPTNTVFDAKRLIG
RRFDDAVVQSDMKHWPFMVVNDAGRPKVQVEYKGETKSFYPEEVSSMVLTKMKEIAEAYLGKTVTNAVVTVPAYFNDSQR
QATKDAGTIAGLNVLRIINEPTAAAIAYGLDKKVGAERNVLIFDLGGGTFDVSILTIEDGIFEVKSTAGDTHLGGEDFDN
RMVNHFIAEFKRKHKKDISENKRAVRRLRTACERAKRTLSSSTQASIEIDSLYEGIDFYTSITRARFEELNADLFRGTLD
PVEKALRDAKLDKSQIHDIVLVGGSTRIPKIQKLLQDFFNGKELNKSINPDEAVAYGAAVQAAILS
;
A
2 'polypeptide(L)'
;GPLGSNSPQEEVELKKLKHLEKSVEKIADQLEELNKELTGIQQGFLPKDLQAEALCKLDRRVKATIEQFMKILEEIDTLI
LPENFKDSRLKRKGLVKKVQAFLAECDTVEQNICQETE
;
B
#
# COMPACT_ATOMS: atom_id res chain seq x y z
N MET A 6 0.76 22.17 23.73
CA MET A 6 1.65 21.04 23.45
C MET A 6 3.10 21.40 23.80
N SER A 7 3.73 20.58 24.67
CA SER A 7 5.13 20.77 25.09
C SER A 7 6.12 20.17 24.07
N LYS A 8 7.44 20.29 24.33
CA LYS A 8 8.50 19.80 23.43
C LYS A 8 8.61 18.28 23.43
N GLY A 9 8.51 17.70 22.23
CA GLY A 9 8.57 16.26 22.02
C GLY A 9 9.91 15.72 21.56
N PRO A 10 10.10 14.38 21.63
CA PRO A 10 11.39 13.79 21.20
C PRO A 10 11.58 13.77 19.68
N ALA A 11 12.74 13.26 19.26
CA ALA A 11 13.09 13.13 17.86
C ALA A 11 12.49 11.85 17.30
N VAL A 12 12.06 11.89 16.04
CA VAL A 12 11.42 10.74 15.40
C VAL A 12 12.20 10.19 14.19
N GLY A 13 11.92 8.94 13.87
CA GLY A 13 12.46 8.28 12.70
C GLY A 13 11.35 8.08 11.68
N ILE A 14 11.57 8.57 10.47
CA ILE A 14 10.57 8.45 9.41
C ILE A 14 11.08 7.69 8.18
N ASP A 15 10.36 6.65 7.79
CA ASP A 15 10.72 5.88 6.61
C ASP A 15 9.77 6.39 5.54
N LEU A 16 10.31 7.16 4.60
CA LEU A 16 9.51 7.72 3.53
C LEU A 16 9.55 6.75 2.36
N GLY A 17 8.50 5.94 2.25
CA GLY A 17 8.42 4.92 1.22
C GLY A 17 7.74 5.36 -0.04
N THR A 18 7.91 4.56 -1.13
CA THR A 18 7.30 4.82 -2.43
C THR A 18 5.76 4.76 -2.37
N THR A 19 5.22 3.73 -1.69
CA THR A 19 3.76 3.54 -1.53
C THR A 19 3.28 3.79 -0.08
N TYR A 20 4.10 3.45 0.93
CA TYR A 20 3.72 3.64 2.34
C TYR A 20 4.86 4.22 3.13
N SER A 21 4.52 5.07 4.11
CA SER A 21 5.47 5.66 5.05
C SER A 21 5.17 5.18 6.47
N CYS A 22 6.20 5.22 7.32
CA CYS A 22 6.16 4.75 8.70
C CYS A 22 6.93 5.73 9.59
N VAL A 23 6.42 6.00 10.80
CA VAL A 23 7.07 6.91 11.77
C VAL A 23 7.17 6.21 13.13
N GLY A 24 8.35 6.25 13.70
CA GLY A 24 8.62 5.67 15.01
C GLY A 24 9.28 6.62 15.96
N VAL A 25 9.15 6.35 17.26
CA VAL A 25 9.76 7.18 18.31
C VAL A 25 10.42 6.27 19.34
N PHE A 26 11.64 6.64 19.79
CA PHE A 26 12.36 5.92 20.83
C PHE A 26 12.08 6.65 22.13
N GLN A 27 11.43 5.95 23.08
CA GLN A 27 11.08 6.41 24.43
C GLN A 27 10.80 5.23 25.37
N HIS A 28 11.15 5.38 26.65
CA HIS A 28 10.98 4.32 27.67
C HIS A 28 11.78 3.06 27.36
N GLY A 29 13.02 3.26 26.90
CA GLY A 29 13.95 2.20 26.53
C GLY A 29 13.58 1.34 25.32
N LYS A 30 12.56 1.76 24.53
CA LYS A 30 12.10 1.01 23.36
C LYS A 30 11.43 1.87 22.28
N VAL A 31 11.48 1.38 21.03
CA VAL A 31 10.87 2.04 19.89
C VAL A 31 9.41 1.65 19.82
N GLU A 32 8.56 2.65 19.61
CA GLU A 32 7.14 2.43 19.45
C GLU A 32 6.82 2.91 18.05
N ILE A 33 6.19 2.06 17.23
CA ILE A 33 5.81 2.44 15.88
C ILE A 33 4.46 3.11 16.03
N ILE A 34 4.35 4.33 15.54
CA ILE A 34 3.12 5.09 15.70
C ILE A 34 2.00 4.88 14.67
N ALA A 35 0.83 4.54 15.21
CA ALA A 35 -0.39 4.31 14.46
C ALA A 35 -0.97 5.68 14.06
N ASN A 36 -1.53 5.78 12.84
CA ASN A 36 -2.12 7.04 12.37
C ASN A 36 -3.54 7.18 12.91
N ASP A 37 -4.28 8.19 12.42
CA ASP A 37 -5.65 8.49 12.80
C ASP A 37 -6.63 7.32 12.49
N GLN A 38 -6.30 6.44 11.51
CA GLN A 38 -7.13 5.27 11.17
C GLN A 38 -6.62 3.98 11.84
N GLY A 39 -5.68 4.14 12.78
CA GLY A 39 -5.11 3.05 13.56
C GLY A 39 -4.11 2.17 12.85
N ASN A 40 -3.63 2.63 11.67
CA ASN A 40 -2.64 1.95 10.84
C ASN A 40 -1.25 2.42 11.16
N ARG A 41 -0.36 1.45 11.36
CA ARG A 41 1.05 1.70 11.67
C ARG A 41 1.88 2.19 10.46
N THR A 42 1.32 2.04 9.27
CA THR A 42 1.94 2.51 8.03
C THR A 42 0.88 3.38 7.35
N THR A 43 1.30 4.43 6.67
CA THR A 43 0.39 5.35 6.00
C THR A 43 0.68 5.50 4.51
N PRO A 44 -0.34 5.40 3.65
CA PRO A 44 -0.09 5.55 2.20
C PRO A 44 0.57 6.88 1.87
N SER A 45 1.57 6.83 0.97
CA SER A 45 2.37 7.99 0.54
C SER A 45 1.62 8.58 -0.64
N TYR A 46 0.35 8.91 -0.38
CA TYR A 46 -0.66 9.37 -1.31
C TYR A 46 -1.16 10.75 -0.98
N VAL A 47 -1.30 11.59 -2.01
CA VAL A 47 -1.82 12.95 -1.87
C VAL A 47 -2.94 13.12 -2.93
N ALA A 48 -4.14 13.48 -2.49
CA ALA A 48 -5.28 13.68 -3.38
C ALA A 48 -5.66 15.15 -3.47
N PHE A 49 -6.03 15.61 -4.67
CA PHE A 49 -6.47 16.98 -4.88
C PHE A 49 -7.89 16.89 -5.39
N THR A 50 -8.85 17.45 -4.63
CA THR A 50 -10.28 17.40 -4.97
C THR A 50 -10.82 18.80 -5.31
N ASP A 51 -12.15 18.90 -5.51
CA ASP A 51 -12.84 20.17 -5.79
C ASP A 51 -12.76 21.13 -4.59
N THR A 52 -12.75 20.59 -3.35
CA THR A 52 -12.75 21.43 -2.14
C THR A 52 -11.60 21.23 -1.17
N GLU A 53 -10.93 20.05 -1.16
CA GLU A 53 -9.89 19.75 -0.18
C GLU A 53 -8.67 18.96 -0.70
N ARG A 54 -7.60 18.96 0.12
CA ARG A 54 -6.36 18.25 -0.11
C ARG A 54 -6.31 17.13 0.94
N LEU A 55 -6.20 15.88 0.48
CA LEU A 55 -6.20 14.70 1.34
C LEU A 55 -4.86 14.01 1.32
N ILE A 56 -4.40 13.51 2.48
CA ILE A 56 -3.11 12.84 2.59
C ILE A 56 -3.26 11.52 3.35
N GLY A 57 -2.57 10.48 2.86
CA GLY A 57 -2.52 9.19 3.50
C GLY A 57 -3.68 8.31 3.12
N ASP A 58 -4.27 7.66 4.16
CA ASP A 58 -5.42 6.75 4.04
C ASP A 58 -6.58 7.41 3.32
N ALA A 59 -6.86 8.70 3.63
CA ALA A 59 -7.96 9.48 3.04
C ALA A 59 -7.76 9.64 1.52
N ALA A 60 -6.50 9.81 1.08
CA ALA A 60 -6.15 9.95 -0.33
C ALA A 60 -6.27 8.61 -1.06
N LYS A 61 -5.73 7.52 -0.46
CA LYS A 61 -5.81 6.18 -1.06
C LYS A 61 -7.26 5.68 -1.20
N ASN A 62 -8.14 6.02 -0.24
CA ASN A 62 -9.53 5.56 -0.23
C ASN A 62 -10.41 6.12 -1.36
N GLN A 63 -10.03 7.26 -1.95
CA GLN A 63 -10.79 7.89 -3.05
C GLN A 63 -10.04 7.81 -4.38
N VAL A 64 -9.03 6.97 -4.47
CA VAL A 64 -8.25 6.85 -5.70
C VAL A 64 -9.12 6.38 -6.87
N ALA A 65 -10.01 5.43 -6.61
CA ALA A 65 -10.89 4.91 -7.64
C ALA A 65 -11.78 6.03 -8.20
N MET A 66 -12.28 6.87 -7.29
CA MET A 66 -13.12 8.01 -7.63
C MET A 66 -12.42 9.17 -8.37
N ASN A 67 -11.18 9.46 -7.99
CA ASN A 67 -10.41 10.57 -8.55
C ASN A 67 -9.00 10.13 -8.97
N PRO A 68 -8.90 9.29 -9.99
CA PRO A 68 -7.58 8.79 -10.42
C PRO A 68 -6.55 9.81 -10.93
N THR A 69 -6.98 10.78 -11.74
CA THR A 69 -6.08 11.79 -12.31
C THR A 69 -5.44 12.75 -11.30
N ASN A 70 -6.16 13.07 -10.24
CA ASN A 70 -5.69 14.00 -9.23
C ASN A 70 -5.17 13.39 -7.91
N THR A 71 -4.88 12.09 -7.93
CA THR A 71 -4.40 11.36 -6.75
C THR A 71 -2.98 10.93 -7.09
N VAL A 72 -2.02 11.63 -6.48
CA VAL A 72 -0.58 11.47 -6.69
C VAL A 72 -0.02 10.50 -5.68
N PHE A 73 0.86 9.63 -6.19
CA PHE A 73 1.59 8.59 -5.48
C PHE A 73 2.92 8.38 -6.22
N ASP A 74 3.85 7.61 -5.66
CA ASP A 74 5.15 7.37 -6.31
C ASP A 74 6.03 8.63 -6.47
N ALA A 75 5.80 9.67 -5.67
CA ALA A 75 6.62 10.89 -5.75
C ALA A 75 8.08 10.60 -5.47
N LYS A 76 8.34 9.47 -4.76
CA LYS A 76 9.69 8.99 -4.43
C LYS A 76 10.44 8.53 -5.69
N ARG A 77 9.69 8.09 -6.72
CA ARG A 77 10.31 7.66 -7.98
C ARG A 77 10.75 8.85 -8.82
N LEU A 78 10.22 10.07 -8.53
CA LEU A 78 10.49 11.32 -9.25
C LEU A 78 11.46 12.26 -8.52
N ILE A 79 11.46 12.22 -7.16
CA ILE A 79 12.22 13.15 -6.32
C ILE A 79 13.72 13.20 -6.65
N GLY A 80 14.19 14.43 -6.89
CA GLY A 80 15.55 14.74 -7.25
C GLY A 80 15.97 14.33 -8.65
N ARG A 81 15.03 13.93 -9.51
CA ARG A 81 15.40 13.54 -10.88
C ARG A 81 15.11 14.66 -11.88
N ARG A 82 15.77 14.60 -13.05
CA ARG A 82 15.52 15.51 -14.16
C ARG A 82 14.33 14.92 -14.94
N PHE A 83 13.63 15.76 -15.73
CA PHE A 83 12.47 15.28 -16.50
C PHE A 83 12.87 14.18 -17.49
N ASP A 84 14.03 14.34 -18.12
CA ASP A 84 14.51 13.43 -19.15
C ASP A 84 15.21 12.16 -18.61
N ASP A 85 15.14 11.93 -17.30
CA ASP A 85 15.67 10.72 -16.66
C ASP A 85 14.87 9.52 -17.22
N ALA A 86 15.57 8.43 -17.62
CA ALA A 86 15.00 7.19 -18.17
C ALA A 86 13.91 6.64 -17.23
N VAL A 87 14.13 6.81 -15.92
CA VAL A 87 13.19 6.39 -14.87
C VAL A 87 11.90 7.23 -14.93
N VAL A 88 12.01 8.57 -15.06
CA VAL A 88 10.84 9.45 -15.17
C VAL A 88 10.04 9.14 -16.45
N GLN A 89 10.74 8.96 -17.61
CA GLN A 89 10.09 8.64 -18.90
C GLN A 89 9.37 7.29 -18.92
N SER A 90 9.95 6.26 -18.26
CA SER A 90 9.38 4.92 -18.18
C SER A 90 8.30 4.79 -17.10
N ASP A 91 8.50 5.39 -15.92
CA ASP A 91 7.52 5.32 -14.82
C ASP A 91 6.20 6.05 -15.09
N MET A 92 6.24 7.22 -15.76
CA MET A 92 5.05 8.02 -16.07
C MET A 92 4.05 7.30 -17.00
N LYS A 93 4.48 6.20 -17.67
CA LYS A 93 3.61 5.40 -18.53
C LYS A 93 2.45 4.76 -17.71
N HIS A 94 2.78 4.23 -16.55
CA HIS A 94 1.84 3.65 -15.60
C HIS A 94 0.88 4.61 -14.85
N TRP A 95 1.38 5.79 -14.47
CA TRP A 95 0.64 6.77 -13.66
C TRP A 95 -0.60 7.38 -14.32
N PRO A 96 -1.76 7.40 -13.60
CA PRO A 96 -2.96 8.03 -14.16
C PRO A 96 -2.98 9.57 -14.08
N PHE A 97 -2.05 10.17 -13.34
CA PHE A 97 -1.91 11.63 -13.20
C PHE A 97 -0.80 12.12 -14.13
N MET A 98 -0.85 13.40 -14.52
CA MET A 98 0.11 14.04 -15.43
C MET A 98 1.45 14.42 -14.78
N VAL A 99 2.55 14.19 -15.51
CA VAL A 99 3.89 14.58 -15.11
C VAL A 99 4.42 15.53 -16.20
N VAL A 100 4.54 16.83 -15.88
CA VAL A 100 4.99 17.85 -16.85
C VAL A 100 6.45 18.26 -16.65
N ASN A 101 6.96 19.09 -17.57
CA ASN A 101 8.32 19.57 -17.58
C ASN A 101 8.41 21.09 -17.37
N ASP A 102 9.09 21.49 -16.29
CA ASP A 102 9.34 22.90 -16.01
C ASP A 102 10.85 23.13 -15.86
N ALA A 103 11.49 23.54 -16.97
CA ALA A 103 12.93 23.82 -17.09
C ALA A 103 13.78 22.62 -16.67
N GLY A 104 13.52 21.47 -17.29
CA GLY A 104 14.24 20.22 -17.05
C GLY A 104 13.89 19.48 -15.78
N ARG A 105 12.96 20.02 -14.97
CA ARG A 105 12.50 19.41 -13.73
C ARG A 105 11.10 18.81 -13.89
N PRO A 106 10.81 17.64 -13.28
CA PRO A 106 9.45 17.10 -13.34
C PRO A 106 8.53 17.76 -12.30
N LYS A 107 7.25 17.91 -12.66
CA LYS A 107 6.21 18.52 -11.83
C LYS A 107 4.92 17.75 -12.06
N VAL A 108 4.19 17.40 -11.00
CA VAL A 108 2.92 16.71 -11.18
C VAL A 108 1.82 17.74 -11.41
N GLN A 109 1.09 17.63 -12.54
CA GLN A 109 0.03 18.57 -12.87
C GLN A 109 -1.32 17.96 -12.51
N VAL A 110 -2.07 18.66 -11.66
CA VAL A 110 -3.38 18.18 -11.17
C VAL A 110 -4.46 19.26 -11.23
N GLU A 111 -5.69 18.93 -10.79
CA GLU A 111 -6.83 19.84 -10.67
C GLU A 111 -7.04 20.04 -9.16
N TYR A 112 -6.75 21.25 -8.65
CA TYR A 112 -6.89 21.53 -7.23
C TYR A 112 -7.72 22.79 -7.03
N LYS A 113 -8.88 22.64 -6.35
CA LYS A 113 -9.88 23.70 -6.06
C LYS A 113 -10.44 24.30 -7.35
N GLY A 114 -10.62 23.44 -8.36
CA GLY A 114 -11.12 23.82 -9.68
C GLY A 114 -10.13 24.62 -10.51
N GLU A 115 -8.82 24.53 -10.17
CA GLU A 115 -7.72 25.24 -10.82
C GLU A 115 -6.56 24.27 -11.13
N THR A 116 -5.95 24.41 -12.33
CA THR A 116 -4.81 23.58 -12.77
C THR A 116 -3.57 24.00 -11.98
N LYS A 117 -3.00 23.08 -11.19
CA LYS A 117 -1.81 23.37 -10.39
C LYS A 117 -0.71 22.31 -10.58
N SER A 118 0.55 22.74 -10.45
CA SER A 118 1.71 21.86 -10.57
C SER A 118 2.62 21.97 -9.34
N PHE A 119 3.08 20.82 -8.83
CA PHE A 119 3.92 20.74 -7.64
C PHE A 119 5.16 19.94 -7.94
N TYR A 120 6.29 20.33 -7.32
CA TYR A 120 7.54 19.58 -7.49
C TYR A 120 7.45 18.26 -6.67
N PRO A 121 8.22 17.18 -7.00
CA PRO A 121 8.12 15.93 -6.20
C PRO A 121 8.46 16.13 -4.72
N GLU A 122 9.39 17.05 -4.42
CA GLU A 122 9.73 17.36 -3.02
C GLU A 122 8.56 18.09 -2.30
N GLU A 123 7.70 18.83 -3.05
CA GLU A 123 6.54 19.51 -2.47
C GLU A 123 5.50 18.45 -2.11
N VAL A 124 5.38 17.40 -2.94
CA VAL A 124 4.43 16.29 -2.73
C VAL A 124 4.89 15.48 -1.52
N SER A 125 6.22 15.14 -1.45
CA SER A 125 6.80 14.41 -0.32
C SER A 125 6.70 15.18 0.98
N SER A 126 6.78 16.54 0.90
CA SER A 126 6.65 17.41 2.07
C SER A 126 5.28 17.27 2.72
N MET A 127 4.22 17.16 1.89
CA MET A 127 2.83 16.93 2.34
C MET A 127 2.70 15.59 3.07
N VAL A 128 3.39 14.54 2.58
CA VAL A 128 3.39 13.20 3.19
C VAL A 128 4.15 13.30 4.53
N LEU A 129 5.28 13.99 4.50
CA LEU A 129 6.12 14.20 5.68
C LEU A 129 5.39 14.98 6.77
N THR A 130 4.58 16.00 6.38
CA THR A 130 3.71 16.80 7.26
C THR A 130 2.70 15.85 7.94
N LYS A 131 2.14 14.89 7.19
CA LYS A 131 1.22 13.90 7.75
C LYS A 131 1.92 13.03 8.81
N MET A 132 3.10 12.49 8.49
CA MET A 132 3.95 11.68 9.41
C MET A 132 4.28 12.44 10.72
N LYS A 133 4.55 13.76 10.61
CA LYS A 133 4.83 14.69 11.70
C LYS A 133 3.57 14.87 12.54
N GLU A 134 2.39 15.08 11.89
CA GLU A 134 1.12 15.26 12.61
C GLU A 134 0.66 13.97 13.29
N ILE A 135 1.03 12.80 12.72
CA ILE A 135 0.72 11.48 13.29
C ILE A 135 1.51 11.33 14.61
N ALA A 136 2.81 11.69 14.58
CA ALA A 136 3.69 11.66 15.76
C ALA A 136 3.20 12.62 16.84
N GLU A 137 2.82 13.87 16.47
CA GLU A 137 2.32 14.89 17.40
C GLU A 137 1.00 14.51 18.08
N ALA A 138 0.10 13.84 17.36
CA ALA A 138 -1.20 13.38 17.88
C ALA A 138 -1.00 12.26 18.91
N TYR A 139 -0.01 11.36 18.68
CA TYR A 139 0.24 10.26 19.60
C TYR A 139 0.96 10.69 20.89
N LEU A 140 2.06 11.45 20.76
CA LEU A 140 2.87 11.91 21.89
C LEU A 140 2.22 13.05 22.66
N GLY A 141 1.32 13.79 22.01
CA GLY A 141 0.65 14.95 22.57
C GLY A 141 1.65 16.08 22.81
N LYS A 142 2.73 16.10 22.00
CA LYS A 142 3.83 17.05 22.07
C LYS A 142 4.25 17.47 20.68
N THR A 143 4.91 18.64 20.55
CA THR A 143 5.36 19.15 19.24
C THR A 143 6.57 18.35 18.71
N VAL A 144 6.60 18.09 17.39
CA VAL A 144 7.67 17.28 16.79
C VAL A 144 8.40 18.08 15.71
N THR A 145 9.71 18.34 15.93
CA THR A 145 10.55 19.09 14.99
C THR A 145 11.70 18.24 14.41
N ASN A 146 12.49 17.61 15.28
CA ASN A 146 13.62 16.79 14.86
C ASN A 146 13.25 15.44 14.30
N ALA A 147 13.87 15.07 13.18
CA ALA A 147 13.61 13.81 12.51
C ALA A 147 14.77 13.32 11.67
N VAL A 148 14.91 12.00 11.58
CA VAL A 148 15.85 11.25 10.72
C VAL A 148 14.92 10.67 9.66
N VAL A 149 15.26 10.85 8.38
CA VAL A 149 14.47 10.37 7.24
C VAL A 149 15.35 9.43 6.45
N THR A 150 14.79 8.28 6.03
CA THR A 150 15.54 7.29 5.27
C THR A 150 15.33 7.44 3.77
N VAL A 151 16.34 6.98 3.01
CA VAL A 151 16.38 6.99 1.53
C VAL A 151 17.07 5.68 1.10
N PRO A 152 16.76 5.11 -0.10
CA PRO A 152 17.52 3.92 -0.55
C PRO A 152 19.01 4.24 -0.71
N ALA A 153 19.88 3.25 -0.49
CA ALA A 153 21.34 3.42 -0.57
C ALA A 153 21.83 3.95 -1.91
N TYR A 154 21.14 3.61 -3.02
CA TYR A 154 21.53 4.00 -4.39
C TYR A 154 21.17 5.46 -4.75
N PHE A 155 20.40 6.16 -3.90
CA PHE A 155 20.03 7.56 -4.10
C PHE A 155 21.29 8.45 -4.26
N ASN A 156 21.29 9.30 -5.28
CA ASN A 156 22.39 10.21 -5.57
C ASN A 156 22.28 11.49 -4.72
N ASP A 157 23.18 12.48 -4.96
CA ASP A 157 23.19 13.74 -4.22
C ASP A 157 21.91 14.57 -4.39
N SER A 158 21.42 14.67 -5.64
CA SER A 158 20.19 15.40 -5.99
C SER A 158 18.95 14.76 -5.37
N GLN A 159 18.90 13.43 -5.28
CA GLN A 159 17.79 12.68 -4.69
C GLN A 159 17.78 12.84 -3.17
N ARG A 160 18.98 12.85 -2.56
CA ARG A 160 19.17 13.00 -1.11
C ARG A 160 18.84 14.44 -0.64
N GLN A 161 19.29 15.47 -1.38
CA GLN A 161 19.01 16.87 -1.07
C GLN A 161 17.53 17.19 -1.25
N ALA A 162 16.90 16.64 -2.30
CA ALA A 162 15.47 16.83 -2.56
C ALA A 162 14.60 16.32 -1.38
N THR A 163 14.97 15.17 -0.77
CA THR A 163 14.28 14.58 0.39
C THR A 163 14.48 15.45 1.63
N LYS A 164 15.66 16.05 1.78
CA LYS A 164 15.98 16.96 2.88
C LYS A 164 15.10 18.22 2.73
N ASP A 165 14.96 18.72 1.47
CA ASP A 165 14.12 19.87 1.15
C ASP A 165 12.64 19.56 1.48
N ALA A 166 12.17 18.31 1.25
CA ALA A 166 10.80 17.88 1.56
C ALA A 166 10.56 17.97 3.08
N GLY A 167 11.55 17.57 3.87
CA GLY A 167 11.50 17.65 5.33
C GLY A 167 11.54 19.08 5.81
N THR A 168 12.34 19.94 5.14
CA THR A 168 12.47 21.37 5.49
C THR A 168 11.14 22.09 5.17
N ILE A 169 10.56 21.85 3.97
CA ILE A 169 9.27 22.42 3.57
C ILE A 169 8.17 21.95 4.57
N ALA A 170 8.22 20.68 5.05
CA ALA A 170 7.28 20.14 6.05
C ALA A 170 7.44 20.72 7.48
N GLY A 171 8.46 21.55 7.67
CA GLY A 171 8.77 22.19 8.95
C GLY A 171 9.60 21.35 9.89
N LEU A 172 10.24 20.28 9.38
CA LEU A 172 11.08 19.42 10.20
C LEU A 172 12.57 19.79 10.14
N ASN A 173 13.27 19.59 11.25
CA ASN A 173 14.70 19.78 11.28
C ASN A 173 15.21 18.38 11.00
N VAL A 174 15.72 18.17 9.79
CA VAL A 174 16.21 16.85 9.36
C VAL A 174 17.60 16.63 9.94
N LEU A 175 17.72 15.76 10.99
CA LEU A 175 19.00 15.45 11.64
C LEU A 175 19.98 14.82 10.63
N ARG A 176 19.55 13.74 9.98
CA ARG A 176 20.37 13.08 9.00
C ARG A 176 19.52 12.28 8.02
N ILE A 177 20.08 12.02 6.85
CA ILE A 177 19.43 11.21 5.86
C ILE A 177 20.25 9.96 5.95
N ILE A 178 19.64 8.86 6.35
CA ILE A 178 20.38 7.61 6.49
C ILE A 178 19.84 6.58 5.51
N ASN A 179 20.67 5.62 5.17
CA ASN A 179 20.28 4.61 4.19
C ASN A 179 19.32 3.62 4.81
N GLU A 180 18.30 3.19 4.04
CA GLU A 180 17.30 2.20 4.51
C GLU A 180 17.99 0.90 5.00
N PRO A 181 18.94 0.28 4.24
CA PRO A 181 19.61 -0.93 4.76
C PRO A 181 20.38 -0.72 6.07
N THR A 182 21.01 0.47 6.22
CA THR A 182 21.73 0.93 7.42
C THR A 182 20.75 0.98 8.60
N ALA A 183 19.54 1.55 8.38
CA ALA A 183 18.47 1.67 9.39
C ALA A 183 17.98 0.29 9.86
N ALA A 184 17.75 -0.63 8.92
CA ALA A 184 17.34 -2.02 9.20
C ALA A 184 18.41 -2.73 10.04
N ALA A 185 19.70 -2.58 9.68
CA ALA A 185 20.87 -3.14 10.39
C ALA A 185 20.96 -2.58 11.82
N ILE A 186 20.72 -1.25 11.99
CA ILE A 186 20.65 -0.55 13.28
C ILE A 186 19.55 -1.15 14.17
N ALA A 187 18.32 -1.36 13.61
CA ALA A 187 17.19 -1.95 14.32
C ALA A 187 17.52 -3.28 15.01
N TYR A 188 18.30 -4.15 14.33
CA TYR A 188 18.75 -5.46 14.81
C TYR A 188 20.01 -5.40 15.68
N GLY A 189 20.55 -4.19 15.88
CA GLY A 189 21.73 -3.91 16.70
C GLY A 189 22.99 -4.63 16.23
N LEU A 190 23.08 -4.86 14.91
CA LEU A 190 24.17 -5.56 14.24
C LEU A 190 25.51 -4.85 14.33
N ASP A 191 25.48 -3.55 14.66
CA ASP A 191 26.66 -2.69 14.84
C ASP A 191 27.20 -2.76 16.27
N LYS A 192 26.45 -3.39 17.20
CA LYS A 192 26.87 -3.50 18.61
C LYS A 192 27.31 -4.95 18.96
N LYS A 193 27.49 -5.81 17.93
CA LYS A 193 27.91 -7.21 18.07
C LYS A 193 29.43 -7.32 18.13
N VAL A 194 29.95 -8.21 19.01
CA VAL A 194 31.39 -8.44 19.18
C VAL A 194 32.06 -8.93 17.89
N GLY A 195 33.30 -8.50 17.68
CA GLY A 195 34.08 -8.86 16.50
C GLY A 195 34.75 -7.66 15.85
N ALA A 196 35.49 -7.92 14.77
CA ALA A 196 36.23 -6.90 14.03
C ALA A 196 35.46 -6.31 12.86
N GLU A 197 34.91 -7.17 11.97
CA GLU A 197 34.20 -6.74 10.79
C GLU A 197 33.00 -7.65 10.46
N ARG A 198 31.82 -7.04 10.26
CA ARG A 198 30.60 -7.76 9.92
C ARG A 198 30.09 -7.40 8.53
N ASN A 199 29.85 -8.44 7.70
CA ASN A 199 29.30 -8.30 6.35
C ASN A 199 27.82 -8.59 6.47
N VAL A 200 26.99 -7.60 6.13
CA VAL A 200 25.54 -7.71 6.24
C VAL A 200 24.84 -7.63 4.87
N LEU A 201 23.93 -8.59 4.61
CA LEU A 201 23.11 -8.55 3.41
C LEU A 201 21.69 -8.15 3.83
N ILE A 202 21.16 -7.08 3.25
CA ILE A 202 19.81 -6.67 3.58
C ILE A 202 18.92 -7.01 2.38
N PHE A 203 17.90 -7.82 2.63
CA PHE A 203 16.96 -8.24 1.59
C PHE A 203 15.68 -7.44 1.80
N ASP A 204 15.46 -6.44 0.95
CA ASP A 204 14.29 -5.59 1.07
C ASP A 204 13.29 -5.78 -0.07
N LEU A 205 12.17 -6.44 0.24
CA LEU A 205 11.09 -6.71 -0.73
C LEU A 205 9.78 -6.12 -0.21
N GLY A 206 9.59 -4.82 -0.44
CA GLY A 206 8.40 -4.12 0.02
C GLY A 206 8.06 -2.84 -0.73
N GLY A 207 6.78 -2.50 -0.71
CA GLY A 207 6.21 -1.30 -1.31
C GLY A 207 6.49 -1.07 -2.79
N GLY A 208 6.31 -2.10 -3.60
CA GLY A 208 6.49 -2.04 -5.04
C GLY A 208 7.90 -2.17 -5.59
N THR A 209 8.94 -2.15 -4.73
CA THR A 209 10.33 -2.30 -5.18
C THR A 209 11.02 -3.47 -4.48
N PHE A 210 12.15 -3.88 -5.03
CA PHE A 210 13.01 -4.90 -4.46
C PHE A 210 14.44 -4.37 -4.44
N ASP A 211 15.01 -4.33 -3.24
CA ASP A 211 16.36 -3.83 -3.03
C ASP A 211 17.20 -4.77 -2.17
N VAL A 212 18.36 -5.18 -2.71
CA VAL A 212 19.36 -5.97 -1.99
C VAL A 212 20.56 -5.05 -1.82
N SER A 213 21.05 -4.90 -0.58
CA SER A 213 22.24 -4.12 -0.31
C SER A 213 23.19 -4.92 0.55
N ILE A 214 24.48 -4.78 0.28
CA ILE A 214 25.51 -5.39 1.12
C ILE A 214 26.29 -4.29 1.81
N LEU A 215 26.42 -4.41 3.13
CA LEU A 215 27.12 -3.43 3.95
C LEU A 215 28.15 -4.09 4.84
N THR A 216 29.18 -3.34 5.18
CA THR A 216 30.24 -3.81 6.05
C THR A 216 30.25 -2.93 7.30
N ILE A 217 30.28 -3.55 8.48
CA ILE A 217 30.30 -2.79 9.72
C ILE A 217 31.60 -3.05 10.47
N GLU A 218 32.31 -1.99 10.82
CA GLU A 218 33.59 -2.06 11.53
C GLU A 218 33.57 -0.99 12.60
N ASP A 219 33.56 -1.40 13.88
CA ASP A 219 33.49 -0.52 15.05
C ASP A 219 32.30 0.45 14.99
N GLY A 220 31.17 -0.05 14.47
CA GLY A 220 29.91 0.70 14.33
C GLY A 220 29.86 1.66 13.15
N ILE A 221 30.79 1.56 12.22
CA ILE A 221 30.79 2.43 11.05
C ILE A 221 30.30 1.67 9.81
N PHE A 222 29.32 2.24 9.11
CA PHE A 222 28.74 1.61 7.92
C PHE A 222 29.43 2.03 6.60
N GLU A 223 29.57 1.06 5.70
CA GLU A 223 30.12 1.21 4.35
C GLU A 223 29.22 0.42 3.41
N VAL A 224 28.67 1.08 2.37
CA VAL A 224 27.79 0.45 1.38
C VAL A 224 28.70 -0.19 0.32
N LYS A 225 28.76 -1.53 0.31
CA LYS A 225 29.60 -2.30 -0.61
C LYS A 225 28.99 -2.48 -2.00
N SER A 226 27.70 -2.80 -2.07
CA SER A 226 26.96 -3.00 -3.33
C SER A 226 25.46 -2.84 -3.12
N THR A 227 24.73 -2.64 -4.22
CA THR A 227 23.27 -2.54 -4.29
C THR A 227 22.83 -3.29 -5.56
N ALA A 228 21.71 -4.03 -5.49
CA ALA A 228 21.12 -4.74 -6.63
C ALA A 228 19.64 -4.92 -6.37
N GLY A 229 18.86 -5.23 -7.41
CA GLY A 229 17.41 -5.38 -7.25
C GLY A 229 16.59 -5.12 -8.49
N ASP A 230 15.27 -4.89 -8.28
CA ASP A 230 14.26 -4.64 -9.29
C ASP A 230 13.34 -3.52 -8.77
N THR A 231 13.26 -2.38 -9.48
CA THR A 231 12.49 -1.21 -9.05
C THR A 231 10.97 -1.39 -9.17
N HIS A 232 10.56 -2.49 -9.79
CA HIS A 232 9.16 -2.83 -9.98
C HIS A 232 8.89 -4.30 -9.68
N LEU A 233 8.90 -4.66 -8.40
CA LEU A 233 8.65 -6.04 -7.96
C LEU A 233 8.11 -6.02 -6.56
N GLY A 234 6.98 -6.68 -6.36
CA GLY A 234 6.40 -6.74 -5.02
C GLY A 234 5.15 -7.59 -4.94
N GLY A 235 4.37 -7.35 -3.89
CA GLY A 235 3.15 -8.07 -3.59
C GLY A 235 2.10 -8.06 -4.67
N GLU A 236 1.98 -6.94 -5.40
CA GLU A 236 1.02 -6.75 -6.50
C GLU A 236 1.23 -7.76 -7.63
N ASP A 237 2.49 -8.12 -7.91
CA ASP A 237 2.87 -9.07 -8.95
C ASP A 237 2.49 -10.49 -8.55
N PHE A 238 2.67 -10.80 -7.27
CA PHE A 238 2.29 -12.09 -6.71
C PHE A 238 0.77 -12.22 -6.72
N ASP A 239 0.10 -11.12 -6.38
CA ASP A 239 -1.35 -11.04 -6.36
C ASP A 239 -1.88 -11.27 -7.76
N ASN A 240 -1.20 -10.70 -8.74
CA ASN A 240 -1.61 -10.81 -10.13
C ASN A 240 -1.61 -12.27 -10.56
N ARG A 241 -0.61 -13.02 -10.12
CA ARG A 241 -0.55 -14.46 -10.47
C ARG A 241 -1.72 -15.27 -9.92
N MET A 242 -2.18 -14.94 -8.69
N MET A 242 -2.17 -14.96 -8.67
CA MET A 242 -3.33 -15.59 -8.04
CA MET A 242 -3.32 -15.66 -8.08
C MET A 242 -4.61 -15.22 -8.80
C MET A 242 -4.62 -15.23 -8.79
N VAL A 243 -4.70 -13.96 -9.25
CA VAL A 243 -5.85 -13.42 -9.99
C VAL A 243 -6.00 -14.18 -11.31
N ASN A 244 -4.88 -14.38 -12.05
CA ASN A 244 -4.91 -15.11 -13.31
C ASN A 244 -5.31 -16.55 -13.09
N HIS A 245 -4.89 -17.13 -11.97
CA HIS A 245 -5.20 -18.50 -11.65
C HIS A 245 -6.71 -18.70 -11.49
N PHE A 246 -7.33 -17.80 -10.74
CA PHE A 246 -8.76 -17.84 -10.51
C PHE A 246 -9.60 -17.52 -11.74
N ILE A 247 -9.13 -16.58 -12.54
CA ILE A 247 -9.84 -16.20 -13.76
C ILE A 247 -9.89 -17.44 -14.67
N ALA A 248 -8.78 -18.15 -14.76
CA ALA A 248 -8.68 -19.39 -15.55
C ALA A 248 -9.61 -20.49 -14.99
N GLU A 249 -9.64 -20.64 -13.67
CA GLU A 249 -10.51 -21.58 -12.95
C GLU A 249 -11.97 -21.31 -13.21
N PHE A 250 -12.37 -20.01 -13.24
CA PHE A 250 -13.73 -19.58 -13.51
C PHE A 250 -14.09 -19.90 -14.97
N LYS A 251 -13.13 -19.73 -15.92
CA LYS A 251 -13.38 -20.09 -17.32
C LYS A 251 -13.60 -21.61 -17.44
N ARG A 252 -12.74 -22.42 -16.80
CA ARG A 252 -12.90 -23.88 -16.88
C ARG A 252 -14.21 -24.38 -16.30
N LYS A 253 -14.61 -23.86 -15.14
CA LYS A 253 -15.83 -24.29 -14.44
C LYS A 253 -17.15 -23.72 -15.00
N HIS A 254 -17.17 -22.45 -15.41
CA HIS A 254 -18.39 -21.81 -15.91
C HIS A 254 -18.42 -21.35 -17.37
N LYS A 255 -17.29 -21.45 -18.05
CA LYS A 255 -17.13 -21.07 -19.45
C LYS A 255 -17.47 -19.59 -19.65
N LYS A 256 -17.11 -18.77 -18.64
CA LYS A 256 -17.36 -17.33 -18.62
C LYS A 256 -16.06 -16.63 -18.26
N ASP A 257 -15.80 -15.51 -18.94
CA ASP A 257 -14.60 -14.69 -18.77
C ASP A 257 -14.97 -13.44 -17.93
N ILE A 258 -14.52 -13.37 -16.69
CA ILE A 258 -14.82 -12.25 -15.82
C ILE A 258 -13.86 -11.07 -15.97
N SER A 259 -12.86 -11.23 -16.82
CA SER A 259 -11.79 -10.24 -17.03
C SER A 259 -12.18 -8.83 -17.50
N GLU A 260 -13.22 -8.69 -18.30
CA GLU A 260 -13.61 -7.34 -18.74
C GLU A 260 -14.53 -6.57 -17.76
N ASN A 261 -15.01 -7.25 -16.73
CA ASN A 261 -15.86 -6.63 -15.70
C ASN A 261 -14.91 -6.21 -14.61
N LYS A 262 -14.56 -4.92 -14.56
CA LYS A 262 -13.62 -4.34 -13.59
C LYS A 262 -14.02 -4.60 -12.14
N ARG A 263 -15.33 -4.53 -11.81
CA ARG A 263 -15.79 -4.75 -10.42
C ARG A 263 -15.57 -6.18 -9.98
N ALA A 264 -15.78 -7.12 -10.90
CA ALA A 264 -15.61 -8.56 -10.64
C ALA A 264 -14.14 -8.79 -10.45
N VAL A 265 -13.31 -8.19 -11.28
CA VAL A 265 -11.86 -8.38 -11.14
C VAL A 265 -11.38 -7.82 -9.78
N ARG A 266 -11.83 -6.64 -9.40
CA ARG A 266 -11.46 -6.04 -8.14
C ARG A 266 -11.87 -6.86 -6.94
N ARG A 267 -13.07 -7.45 -6.95
CA ARG A 267 -13.55 -8.26 -5.82
C ARG A 267 -12.63 -9.48 -5.71
N LEU A 268 -12.31 -10.11 -6.84
CA LEU A 268 -11.40 -11.25 -6.83
C LEU A 268 -9.97 -10.84 -6.34
N ARG A 269 -9.41 -9.73 -6.87
CA ARG A 269 -8.11 -9.20 -6.49
C ARG A 269 -8.02 -8.90 -5.01
N THR A 270 -9.06 -8.29 -4.44
CA THR A 270 -9.07 -7.96 -3.01
C THR A 270 -9.05 -9.24 -2.18
N ALA A 271 -9.81 -10.28 -2.61
CA ALA A 271 -9.85 -11.60 -1.92
C ALA A 271 -8.48 -12.30 -2.02
N CYS A 272 -7.80 -12.16 -3.18
CA CYS A 272 -6.49 -12.74 -3.42
C CYS A 272 -5.41 -12.12 -2.51
N GLU A 273 -5.43 -10.80 -2.36
CA GLU A 273 -4.46 -10.08 -1.53
C GLU A 273 -4.57 -10.56 -0.05
N ARG A 274 -5.80 -10.84 0.41
CA ARG A 274 -6.13 -11.38 1.75
C ARG A 274 -5.75 -12.86 1.85
N ALA A 275 -5.99 -13.65 0.78
CA ALA A 275 -5.63 -15.08 0.76
C ALA A 275 -4.09 -15.24 0.83
N LYS A 276 -3.36 -14.38 0.13
CA LYS A 276 -1.89 -14.41 0.16
C LYS A 276 -1.38 -14.19 1.59
N ARG A 277 -1.99 -13.24 2.33
CA ARG A 277 -1.63 -12.98 3.73
C ARG A 277 -1.90 -14.21 4.61
N THR A 278 -3.07 -14.85 4.46
CA THR A 278 -3.41 -16.11 5.14
C THR A 278 -2.38 -17.22 4.87
N LEU A 279 -1.92 -17.35 3.61
CA LEU A 279 -0.94 -18.37 3.19
C LEU A 279 0.45 -18.17 3.77
N SER A 280 0.69 -17.05 4.47
CA SER A 280 1.96 -16.84 5.16
C SER A 280 1.94 -17.52 6.53
N SER A 281 0.75 -17.79 7.08
CA SER A 281 0.59 -18.43 8.40
C SER A 281 -0.18 -19.76 8.36
N SER A 282 -0.88 -20.05 7.23
CA SER A 282 -1.66 -21.27 7.00
C SER A 282 -1.24 -21.90 5.68
N THR A 283 -1.60 -23.18 5.45
CA THR A 283 -1.21 -23.88 4.23
C THR A 283 -2.30 -23.90 3.19
N GLN A 284 -3.45 -23.32 3.55
CA GLN A 284 -4.60 -23.22 2.66
C GLN A 284 -5.39 -22.00 3.05
N ALA A 285 -6.06 -21.41 2.06
CA ALA A 285 -6.93 -20.25 2.25
C ALA A 285 -8.18 -20.50 1.42
N SER A 286 -9.36 -20.14 1.96
CA SER A 286 -10.62 -20.30 1.22
C SER A 286 -11.16 -18.93 0.86
N ILE A 287 -11.89 -18.85 -0.24
CA ILE A 287 -12.53 -17.60 -0.69
C ILE A 287 -13.98 -17.92 -1.03
N GLU A 288 -14.92 -17.08 -0.57
CA GLU A 288 -16.33 -17.27 -0.90
C GLU A 288 -16.79 -15.91 -1.40
N ILE A 289 -17.05 -15.81 -2.72
CA ILE A 289 -17.53 -14.56 -3.31
C ILE A 289 -18.92 -14.83 -3.88
N ASP A 290 -19.94 -14.21 -3.31
CA ASP A 290 -21.30 -14.37 -3.84
C ASP A 290 -21.53 -13.50 -5.08
N SER A 291 -22.34 -14.04 -6.02
CA SER A 291 -22.73 -13.37 -7.25
C SER A 291 -21.51 -12.58 -7.85
N LEU A 292 -20.40 -13.29 -8.04
CA LEU A 292 -19.16 -12.70 -8.60
C LEU A 292 -19.35 -12.12 -9.99
N TYR A 293 -19.93 -12.91 -10.90
CA TYR A 293 -20.12 -12.49 -12.29
C TYR A 293 -21.30 -13.24 -12.85
N GLU A 294 -22.22 -12.52 -13.47
CA GLU A 294 -23.43 -13.09 -14.06
C GLU A 294 -24.23 -13.92 -13.06
N GLY A 295 -24.29 -13.42 -11.82
CA GLY A 295 -25.01 -14.02 -10.71
C GLY A 295 -24.40 -15.35 -10.24
N ILE A 296 -23.22 -15.72 -10.73
CA ILE A 296 -22.56 -16.98 -10.34
C ILE A 296 -21.72 -16.75 -9.09
N ASP A 297 -21.90 -17.63 -8.08
CA ASP A 297 -21.16 -17.64 -6.81
C ASP A 297 -19.83 -18.33 -7.02
N PHE A 298 -18.75 -17.75 -6.49
CA PHE A 298 -17.41 -18.34 -6.61
C PHE A 298 -16.83 -18.73 -5.26
N TYR A 299 -16.87 -20.03 -4.95
CA TYR A 299 -16.40 -20.59 -3.70
C TYR A 299 -15.29 -21.50 -4.05
N THR A 300 -14.11 -21.21 -3.55
CA THR A 300 -12.93 -21.97 -3.91
C THR A 300 -11.87 -21.80 -2.84
N SER A 301 -10.73 -22.44 -3.04
CA SER A 301 -9.57 -22.39 -2.17
C SER A 301 -8.29 -22.52 -2.95
N ILE A 302 -7.19 -22.25 -2.27
CA ILE A 302 -5.86 -22.33 -2.83
C ILE A 302 -4.96 -22.81 -1.70
N THR A 303 -3.98 -23.69 -2.02
CA THR A 303 -3.00 -24.19 -1.06
C THR A 303 -1.76 -23.31 -1.20
N ARG A 304 -0.88 -23.31 -0.18
CA ARG A 304 0.41 -22.60 -0.22
C ARG A 304 1.30 -23.09 -1.37
N ALA A 305 1.29 -24.41 -1.66
CA ALA A 305 2.06 -25.06 -2.73
C ALA A 305 1.71 -24.50 -4.12
N ARG A 306 0.41 -24.37 -4.42
CA ARG A 306 -0.08 -23.81 -5.69
C ARG A 306 0.31 -22.35 -5.84
N PHE A 307 0.13 -21.58 -4.78
CA PHE A 307 0.52 -20.19 -4.71
C PHE A 307 2.00 -20.05 -5.00
N GLU A 308 2.85 -20.88 -4.34
CA GLU A 308 4.29 -20.93 -4.57
C GLU A 308 4.57 -21.30 -6.06
N GLU A 309 3.89 -22.34 -6.59
CA GLU A 309 4.04 -22.75 -8.00
C GLU A 309 3.69 -21.62 -8.97
N LEU A 310 2.59 -20.87 -8.74
CA LEU A 310 2.18 -19.79 -9.65
C LEU A 310 3.18 -18.66 -9.75
N ASN A 311 4.00 -18.47 -8.69
CA ASN A 311 5.02 -17.43 -8.52
C ASN A 311 6.46 -17.94 -8.45
N ALA A 312 6.67 -19.22 -8.78
CA ALA A 312 7.97 -19.91 -8.73
C ALA A 312 9.12 -19.11 -9.32
N ASP A 313 8.94 -18.53 -10.53
CA ASP A 313 9.93 -17.70 -11.25
C ASP A 313 10.23 -16.39 -10.52
N LEU A 314 9.18 -15.68 -10.04
CA LEU A 314 9.31 -14.41 -9.31
C LEU A 314 10.06 -14.59 -7.99
N PHE A 315 9.73 -15.66 -7.25
CA PHE A 315 10.41 -16.01 -6.00
C PHE A 315 11.88 -16.45 -6.17
N ARG A 316 12.13 -17.34 -7.12
CA ARG A 316 13.50 -17.81 -7.41
C ARG A 316 14.37 -16.67 -8.01
N GLY A 317 13.72 -15.80 -8.76
CA GLY A 317 14.33 -14.64 -9.38
C GLY A 317 14.89 -13.65 -8.39
N THR A 318 14.39 -13.65 -7.16
CA THR A 318 14.88 -12.73 -6.13
C THR A 318 16.36 -12.98 -5.83
N LEU A 319 16.76 -14.25 -5.93
CA LEU A 319 18.14 -14.67 -5.69
C LEU A 319 19.15 -14.07 -6.67
N ASP A 320 18.75 -13.80 -7.90
CA ASP A 320 19.69 -13.25 -8.88
C ASP A 320 20.26 -11.91 -8.45
N PRO A 321 19.44 -11.01 -7.95
CA PRO A 321 19.96 -9.72 -7.49
C PRO A 321 20.94 -9.96 -6.35
N VAL A 322 20.66 -10.96 -5.53
CA VAL A 322 21.51 -11.30 -4.42
C VAL A 322 22.87 -11.72 -4.97
N GLU A 323 22.87 -12.50 -6.04
CA GLU A 323 24.10 -12.93 -6.67
C GLU A 323 24.86 -11.73 -7.24
N LYS A 324 24.15 -10.81 -7.87
CA LYS A 324 24.75 -9.62 -8.45
C LYS A 324 25.39 -8.73 -7.38
N ALA A 325 24.70 -8.56 -6.25
CA ALA A 325 25.27 -7.77 -5.15
C ALA A 325 26.54 -8.40 -4.57
N LEU A 326 26.58 -9.75 -4.40
CA LEU A 326 27.77 -10.43 -3.85
C LEU A 326 28.97 -10.29 -4.81
N ARG A 327 28.69 -10.27 -6.12
CA ARG A 327 29.66 -10.12 -7.22
C ARG A 327 30.32 -8.74 -7.19
N ASP A 328 29.51 -7.66 -7.08
CA ASP A 328 29.98 -6.26 -7.04
C ASP A 328 30.77 -5.98 -5.77
N ALA A 329 30.32 -6.52 -4.64
CA ALA A 329 30.96 -6.39 -3.32
C ALA A 329 32.24 -7.26 -3.20
N LYS A 330 32.50 -8.14 -4.21
CA LYS A 330 33.64 -9.07 -4.31
C LYS A 330 33.65 -10.04 -3.10
N LEU A 331 32.47 -10.56 -2.74
CA LEU A 331 32.31 -11.47 -1.61
C LEU A 331 31.67 -12.79 -1.98
N ASP A 332 32.08 -13.87 -1.27
CA ASP A 332 31.45 -15.18 -1.43
C ASP A 332 30.20 -15.15 -0.53
N LYS A 333 29.19 -16.02 -0.77
CA LYS A 333 27.98 -16.05 0.06
C LYS A 333 28.27 -16.52 1.50
N SER A 334 29.36 -17.31 1.68
CA SER A 334 29.80 -17.82 2.97
C SER A 334 30.34 -16.69 3.88
N GLN A 335 30.78 -15.62 3.25
CA GLN A 335 31.33 -14.45 3.93
C GLN A 335 30.29 -13.54 4.59
N ILE A 336 29.01 -13.79 4.34
CA ILE A 336 27.95 -12.94 4.90
C ILE A 336 27.59 -13.33 6.34
N HIS A 337 27.89 -12.41 7.26
CA HIS A 337 27.62 -12.56 8.69
C HIS A 337 26.15 -12.49 9.17
N ASP A 338 25.38 -11.57 8.61
CA ASP A 338 23.99 -11.36 8.98
C ASP A 338 23.13 -11.14 7.76
N ILE A 339 21.92 -11.70 7.78
CA ILE A 339 20.93 -11.50 6.72
C ILE A 339 19.73 -10.78 7.35
N VAL A 340 19.31 -9.64 6.77
CA VAL A 340 18.18 -8.86 7.29
C VAL A 340 17.01 -8.90 6.32
N LEU A 341 15.83 -9.34 6.78
CA LEU A 341 14.61 -9.36 5.95
C LEU A 341 13.81 -8.10 6.21
N VAL A 342 13.60 -7.29 5.16
CA VAL A 342 12.85 -6.04 5.22
C VAL A 342 11.77 -6.03 4.11
N GLY A 343 10.58 -5.50 4.43
CA GLY A 343 9.46 -5.38 3.51
C GLY A 343 8.44 -6.49 3.70
N GLY A 344 7.16 -6.13 3.56
CA GLY A 344 6.02 -7.01 3.75
C GLY A 344 6.05 -8.35 3.05
N SER A 345 6.62 -8.41 1.83
CA SER A 345 6.65 -9.68 1.11
C SER A 345 7.72 -10.68 1.63
N THR A 346 8.63 -10.24 2.54
CA THR A 346 9.63 -11.16 3.12
C THR A 346 8.98 -12.11 4.14
N ARG A 347 7.69 -11.86 4.45
CA ARG A 347 6.87 -12.69 5.32
C ARG A 347 6.54 -14.01 4.59
N ILE A 348 6.64 -14.03 3.25
CA ILE A 348 6.34 -15.22 2.44
C ILE A 348 7.29 -16.38 2.79
N PRO A 349 6.78 -17.54 3.31
CA PRO A 349 7.68 -18.63 3.71
C PRO A 349 8.63 -19.11 2.64
N LYS A 350 8.17 -19.14 1.37
CA LYS A 350 9.00 -19.60 0.25
C LYS A 350 10.18 -18.70 0.03
N ILE A 351 9.97 -17.37 0.05
CA ILE A 351 11.08 -16.43 -0.09
C ILE A 351 12.12 -16.67 1.04
N GLN A 352 11.65 -16.89 2.29
CA GLN A 352 12.49 -17.20 3.46
C GLN A 352 13.25 -18.50 3.26
N LYS A 353 12.58 -19.54 2.70
CA LYS A 353 13.14 -20.88 2.42
C LYS A 353 14.29 -20.77 1.41
N LEU A 354 14.03 -20.12 0.27
CA LEU A 354 15.00 -19.88 -0.79
C LEU A 354 16.23 -19.09 -0.30
N LEU A 355 16.03 -18.07 0.56
CA LEU A 355 17.13 -17.24 1.08
C LEU A 355 17.95 -17.96 2.18
N GLN A 356 17.29 -18.83 2.98
CA GLN A 356 18.01 -19.64 3.96
C GLN A 356 18.74 -20.79 3.23
N ASP A 357 18.09 -21.38 2.18
CA ASP A 357 18.71 -22.45 1.37
C ASP A 357 19.88 -21.93 0.54
N PHE A 358 19.84 -20.64 0.14
CA PHE A 358 20.95 -20.04 -0.60
C PHE A 358 22.14 -19.83 0.32
N PHE A 359 21.89 -19.45 1.59
CA PHE A 359 22.95 -19.19 2.56
C PHE A 359 23.22 -20.39 3.47
N ASN A 360 22.99 -21.61 2.95
CA ASN A 360 23.27 -22.91 3.57
C ASN A 360 22.75 -23.05 5.02
N GLY A 361 21.44 -22.93 5.18
CA GLY A 361 20.75 -23.09 6.46
C GLY A 361 20.98 -22.03 7.53
N LYS A 362 21.60 -20.89 7.17
CA LYS A 362 21.86 -19.79 8.10
C LYS A 362 20.56 -19.08 8.54
N GLU A 363 20.46 -18.77 9.85
CA GLU A 363 19.31 -18.08 10.45
C GLU A 363 19.20 -16.64 9.95
N LEU A 364 17.95 -16.18 9.79
CA LEU A 364 17.59 -14.85 9.28
C LEU A 364 17.11 -13.94 10.39
N ASN A 365 17.43 -12.63 10.28
CA ASN A 365 16.97 -11.62 11.22
C ASN A 365 15.61 -11.12 10.72
N LYS A 366 14.53 -11.67 11.31
CA LYS A 366 13.16 -11.41 10.88
C LYS A 366 12.13 -11.16 12.01
N SER A 367 12.57 -11.00 13.26
CA SER A 367 11.70 -10.79 14.42
C SER A 367 11.04 -9.40 14.49
N ILE A 368 11.66 -8.39 13.90
CA ILE A 368 11.09 -7.06 13.89
C ILE A 368 10.14 -7.01 12.71
N ASN A 369 8.99 -6.34 12.86
CA ASN A 369 8.03 -6.29 11.78
C ASN A 369 8.73 -5.77 10.52
N PRO A 370 8.64 -6.53 9.43
CA PRO A 370 9.34 -6.20 8.19
C PRO A 370 9.00 -4.85 7.56
N ASP A 371 7.78 -4.39 7.76
CA ASP A 371 7.28 -3.13 7.21
C ASP A 371 7.69 -1.97 8.09
N GLU A 372 8.14 -2.28 9.33
CA GLU A 372 8.49 -1.29 10.36
C GLU A 372 9.98 -1.18 10.71
N ALA A 373 10.81 -2.20 10.37
CA ALA A 373 12.25 -2.27 10.66
C ALA A 373 13.06 -1.02 10.30
N VAL A 374 12.80 -0.42 9.12
CA VAL A 374 13.48 0.80 8.68
C VAL A 374 13.15 1.99 9.61
N ALA A 375 11.84 2.21 9.91
CA ALA A 375 11.39 3.29 10.81
C ALA A 375 11.93 3.09 12.23
N TYR A 376 12.03 1.81 12.66
CA TYR A 376 12.54 1.36 13.95
C TYR A 376 14.00 1.84 14.12
N GLY A 377 14.85 1.51 13.14
CA GLY A 377 16.26 1.90 13.15
C GLY A 377 16.46 3.40 12.99
N ALA A 378 15.55 4.06 12.23
CA ALA A 378 15.62 5.52 12.03
C ALA A 378 15.25 6.25 13.33
N ALA A 379 14.37 5.62 14.16
CA ALA A 379 13.95 6.15 15.47
C ALA A 379 15.10 6.00 16.47
N VAL A 380 15.81 4.85 16.43
CA VAL A 380 16.99 4.57 17.25
C VAL A 380 18.02 5.64 16.92
N GLN A 381 18.27 5.86 15.61
CA GLN A 381 19.23 6.85 15.13
C GLN A 381 18.84 8.29 15.53
N ALA A 382 17.55 8.61 15.51
CA ALA A 382 17.10 9.95 15.89
C ALA A 382 17.30 10.27 17.39
N ALA A 383 17.18 9.26 18.24
CA ALA A 383 17.34 9.40 19.70
C ALA A 383 18.81 9.57 20.08
N ILE A 384 19.70 9.25 19.16
CA ILE A 384 21.13 9.36 19.37
C ILE A 384 21.60 10.71 18.84
N LEU A 385 21.12 11.07 17.67
CA LEU A 385 21.47 12.33 17.01
C LEU A 385 21.02 13.59 17.74
N SER A 386 19.89 13.55 18.43
CA SER A 386 19.47 14.78 19.10
C SER A 386 19.89 14.83 20.57
N GLY B 4 -33.31 -27.59 12.88
CA GLY B 4 -33.27 -26.77 14.09
C GLY B 4 -32.02 -27.02 14.91
N SER B 5 -30.85 -26.74 14.31
CA SER B 5 -29.53 -26.90 14.92
C SER B 5 -28.80 -25.55 15.04
N ASN B 6 -29.56 -24.42 15.13
CA ASN B 6 -29.03 -23.05 15.26
C ASN B 6 -27.95 -22.96 16.32
N SER B 7 -26.78 -22.46 15.95
CA SER B 7 -25.69 -22.38 16.92
C SER B 7 -25.40 -20.94 17.39
N PRO B 8 -24.82 -20.76 18.62
CA PRO B 8 -24.44 -19.40 19.06
C PRO B 8 -23.37 -18.81 18.16
N GLN B 9 -22.51 -19.67 17.56
CA GLN B 9 -21.46 -19.29 16.62
C GLN B 9 -22.07 -18.57 15.42
N GLU B 10 -23.24 -19.04 14.95
CA GLU B 10 -23.91 -18.40 13.82
C GLU B 10 -24.40 -16.99 14.16
N GLU B 11 -24.75 -16.74 15.43
CA GLU B 11 -25.23 -15.44 15.90
C GLU B 11 -24.19 -14.35 15.68
N VAL B 12 -22.92 -14.72 15.83
CA VAL B 12 -21.78 -13.85 15.62
C VAL B 12 -21.74 -13.47 14.15
N GLU B 13 -22.00 -14.42 13.25
CA GLU B 13 -21.92 -14.14 11.82
C GLU B 13 -23.10 -13.30 11.36
N LEU B 14 -24.28 -13.59 11.90
CA LEU B 14 -25.51 -12.85 11.60
C LEU B 14 -25.37 -11.40 12.05
N LYS B 15 -24.72 -11.21 13.20
CA LYS B 15 -24.51 -9.86 13.73
C LYS B 15 -23.66 -9.04 12.77
N LYS B 16 -22.63 -9.66 12.20
CA LYS B 16 -21.76 -8.95 11.25
C LYS B 16 -22.57 -8.52 10.05
N LEU B 17 -23.37 -9.44 9.51
CA LEU B 17 -24.23 -9.15 8.36
C LEU B 17 -25.26 -8.04 8.63
N LYS B 18 -25.83 -8.02 9.84
CA LYS B 18 -26.79 -6.99 10.22
C LYS B 18 -26.13 -5.61 10.19
N HIS B 19 -24.90 -5.53 10.69
CA HIS B 19 -24.19 -4.26 10.69
C HIS B 19 -23.97 -3.81 9.26
N LEU B 20 -23.62 -4.76 8.39
CA LEU B 20 -23.41 -4.47 6.96
C LEU B 20 -24.71 -3.98 6.32
N GLU B 21 -25.83 -4.61 6.68
CA GLU B 21 -27.15 -4.20 6.16
C GLU B 21 -27.41 -2.77 6.60
N LYS B 22 -27.08 -2.38 7.86
CA LYS B 22 -27.30 -1.00 8.30
C LYS B 22 -26.46 -0.03 7.45
N SER B 23 -25.18 -0.35 7.19
CA SER B 23 -24.26 0.44 6.36
C SER B 23 -24.78 0.59 4.92
N VAL B 24 -25.35 -0.48 4.34
CA VAL B 24 -25.98 -0.48 3.01
C VAL B 24 -27.18 0.48 2.97
N GLU B 25 -28.07 0.47 4.00
CA GLU B 25 -29.22 1.38 4.04
C GLU B 25 -28.79 2.84 4.11
N LYS B 26 -27.64 3.14 4.77
CA LYS B 26 -27.10 4.50 4.88
C LYS B 26 -26.63 4.96 3.51
N ILE B 27 -25.94 4.07 2.78
CA ILE B 27 -25.46 4.36 1.43
C ILE B 27 -26.64 4.49 0.45
N ALA B 28 -27.69 3.67 0.62
CA ALA B 28 -28.91 3.70 -0.21
C ALA B 28 -29.66 5.01 -0.02
N ASP B 29 -29.62 5.58 1.21
CA ASP B 29 -30.28 6.86 1.52
C ASP B 29 -29.58 8.01 0.82
N GLN B 30 -28.24 7.98 0.76
CA GLN B 30 -27.38 8.92 0.04
C GLN B 30 -27.66 8.88 -1.45
N LEU B 31 -27.99 7.67 -1.99
CA LEU B 31 -28.31 7.48 -3.40
C LEU B 31 -29.68 8.11 -3.72
N GLU B 32 -30.62 7.98 -2.78
CA GLU B 32 -31.97 8.54 -2.85
C GLU B 32 -31.89 10.08 -2.84
N GLU B 33 -31.06 10.65 -1.96
CA GLU B 33 -30.86 12.10 -1.87
C GLU B 33 -30.22 12.61 -3.15
N LEU B 34 -29.30 11.83 -3.69
CA LEU B 34 -28.60 12.15 -4.93
C LEU B 34 -29.64 12.22 -6.06
N ASN B 35 -30.59 11.28 -6.02
CA ASN B 35 -31.66 11.22 -7.00
C ASN B 35 -32.57 12.46 -6.94
N LYS B 36 -32.84 12.93 -5.73
CA LYS B 36 -33.69 14.13 -5.49
C LYS B 36 -32.98 15.39 -6.00
N GLU B 37 -31.67 15.48 -5.76
CA GLU B 37 -30.84 16.57 -6.22
C GLU B 37 -30.80 16.58 -7.74
N LEU B 38 -30.75 15.39 -8.32
CA LEU B 38 -30.70 15.22 -9.77
C LEU B 38 -31.98 15.76 -10.39
N THR B 39 -33.10 15.44 -9.78
CA THR B 39 -34.40 15.88 -10.23
C THR B 39 -34.47 17.40 -10.11
N GLY B 40 -33.87 17.90 -9.04
CA GLY B 40 -33.80 19.32 -8.73
C GLY B 40 -33.06 20.12 -9.78
N ILE B 41 -31.89 19.62 -10.24
CA ILE B 41 -31.07 20.26 -11.28
C ILE B 41 -31.80 20.28 -12.63
N GLN B 42 -32.25 19.10 -13.10
CA GLN B 42 -32.91 18.92 -14.40
C GLN B 42 -34.15 19.83 -14.63
N GLN B 43 -34.78 20.36 -13.55
CA GLN B 43 -35.92 21.28 -13.67
C GLN B 43 -35.87 22.49 -12.69
N GLY B 44 -34.69 23.13 -12.57
CA GLY B 44 -34.53 24.27 -11.65
C GLY B 44 -33.78 25.52 -12.10
N PHE B 45 -33.97 25.96 -13.36
CA PHE B 45 -33.32 27.15 -13.95
C PHE B 45 -31.79 27.06 -13.90
N LYS B 48 -27.27 25.91 -18.45
CA LYS B 48 -26.11 26.25 -19.29
C LYS B 48 -24.84 25.61 -18.71
N ASP B 49 -23.77 26.40 -18.50
CA ASP B 49 -22.49 25.97 -17.93
C ASP B 49 -22.60 25.61 -16.44
N LEU B 50 -23.59 26.22 -15.74
CA LEU B 50 -23.91 26.01 -14.33
C LEU B 50 -24.51 24.63 -14.13
N GLN B 51 -25.38 24.21 -15.08
CA GLN B 51 -26.05 22.89 -15.09
C GLN B 51 -24.98 21.79 -15.21
N ALA B 52 -24.05 21.95 -16.18
CA ALA B 52 -22.96 21.01 -16.42
C ALA B 52 -22.08 20.85 -15.16
N GLU B 53 -21.74 21.96 -14.50
CA GLU B 53 -20.95 21.96 -13.26
C GLU B 53 -21.71 21.27 -12.12
N ALA B 54 -23.04 21.47 -12.06
CA ALA B 54 -23.92 20.87 -11.05
C ALA B 54 -24.08 19.37 -11.29
N LEU B 55 -24.18 18.93 -12.57
CA LEU B 55 -24.28 17.50 -12.91
C LEU B 55 -22.94 16.78 -12.73
N CYS B 56 -21.80 17.42 -13.09
CA CYS B 56 -20.52 16.75 -12.90
C CYS B 56 -20.03 16.86 -11.41
N LYS B 57 -20.76 17.61 -10.56
CA LYS B 57 -20.53 17.67 -9.11
C LYS B 57 -21.31 16.50 -8.50
N LEU B 58 -22.45 16.15 -9.14
CA LEU B 58 -23.28 15.00 -8.79
C LEU B 58 -22.51 13.74 -9.20
N ASP B 59 -21.64 13.86 -10.24
CA ASP B 59 -20.82 12.76 -10.75
C ASP B 59 -19.84 12.28 -9.68
N ARG B 60 -19.15 13.22 -9.01
CA ARG B 60 -18.22 12.94 -7.91
C ARG B 60 -18.99 12.20 -6.80
N ARG B 61 -20.21 12.64 -6.51
CA ARG B 61 -21.07 12.07 -5.48
C ARG B 61 -21.57 10.66 -5.81
N VAL B 62 -21.94 10.40 -7.07
CA VAL B 62 -22.35 9.05 -7.46
C VAL B 62 -21.13 8.10 -7.39
N LYS B 63 -19.98 8.58 -7.85
CA LYS B 63 -18.71 7.86 -7.83
C LYS B 63 -18.41 7.49 -6.38
N ALA B 64 -18.58 8.44 -5.42
CA ALA B 64 -18.38 8.16 -3.99
C ALA B 64 -19.36 7.10 -3.50
N THR B 65 -20.63 7.12 -3.97
CA THR B 65 -21.67 6.16 -3.61
C THR B 65 -21.34 4.75 -4.13
N ILE B 66 -20.89 4.65 -5.39
CA ILE B 66 -20.44 3.39 -6.03
C ILE B 66 -19.26 2.82 -5.22
N GLU B 67 -18.32 3.69 -4.78
CA GLU B 67 -17.15 3.25 -4.03
C GLU B 67 -17.52 2.71 -2.65
N GLN B 68 -18.48 3.34 -1.96
CA GLN B 68 -18.95 2.84 -0.67
C GLN B 68 -19.64 1.45 -0.83
N PHE B 69 -20.43 1.25 -1.90
CA PHE B 69 -21.09 -0.03 -2.16
C PHE B 69 -20.05 -1.10 -2.47
N MET B 70 -18.99 -0.75 -3.24
CA MET B 70 -17.88 -1.67 -3.56
C MET B 70 -17.12 -2.07 -2.30
N LYS B 71 -16.80 -1.10 -1.40
CA LYS B 71 -16.10 -1.44 -0.15
C LYS B 71 -16.97 -2.36 0.76
N ILE B 72 -18.31 -2.29 0.66
CA ILE B 72 -19.24 -3.17 1.42
C ILE B 72 -19.13 -4.56 0.87
N LEU B 73 -19.09 -4.70 -0.46
CA LEU B 73 -18.98 -6.04 -1.07
C LEU B 73 -17.71 -6.69 -0.63
N GLU B 74 -16.61 -5.93 -0.57
CA GLU B 74 -15.28 -6.43 -0.16
C GLU B 74 -15.29 -6.92 1.28
N GLU B 75 -16.00 -6.22 2.16
CA GLU B 75 -16.15 -6.65 3.55
C GLU B 75 -16.98 -7.92 3.60
N ILE B 76 -18.05 -8.00 2.78
CA ILE B 76 -18.88 -9.23 2.73
C ILE B 76 -18.03 -10.41 2.25
N ASP B 77 -17.10 -10.16 1.28
CA ASP B 77 -16.29 -11.23 0.72
C ASP B 77 -15.24 -11.79 1.68
N THR B 78 -15.08 -11.22 2.89
CA THR B 78 -14.14 -11.74 3.90
C THR B 78 -14.81 -12.88 4.70
N LEU B 79 -16.15 -12.96 4.65
CA LEU B 79 -16.93 -13.96 5.37
C LEU B 79 -16.77 -15.36 4.81
N ILE B 80 -16.66 -16.34 5.70
CA ILE B 80 -16.59 -17.76 5.36
C ILE B 80 -17.72 -18.35 6.16
N LEU B 81 -18.72 -18.87 5.48
CA LEU B 81 -19.90 -19.36 6.18
C LEU B 81 -20.04 -20.84 5.92
N PRO B 82 -19.83 -21.70 6.94
CA PRO B 82 -20.01 -23.14 6.73
C PRO B 82 -21.40 -23.41 6.17
N GLU B 83 -21.53 -24.46 5.36
CA GLU B 83 -22.77 -24.89 4.70
C GLU B 83 -23.94 -25.02 5.65
N ASN B 84 -23.68 -25.35 6.93
CA ASN B 84 -24.75 -25.53 7.93
C ASN B 84 -25.27 -24.19 8.46
N PHE B 85 -24.57 -23.10 8.17
CA PHE B 85 -24.96 -21.72 8.51
C PHE B 85 -25.87 -21.26 7.38
N LYS B 86 -27.01 -21.93 7.22
CA LYS B 86 -27.97 -21.68 6.16
C LYS B 86 -28.59 -20.29 6.24
N ASP B 87 -28.94 -19.86 7.45
CA ASP B 87 -29.52 -18.55 7.65
C ASP B 87 -28.54 -17.45 7.26
N SER B 88 -27.25 -17.59 7.65
CA SER B 88 -26.17 -16.62 7.35
C SER B 88 -25.86 -16.59 5.86
N ARG B 89 -25.87 -17.74 5.23
CA ARG B 89 -25.57 -17.83 3.78
C ARG B 89 -26.70 -17.16 2.99
N LEU B 90 -27.97 -17.37 3.42
CA LEU B 90 -29.15 -16.75 2.80
CA LEU B 90 -29.14 -16.75 2.80
C LEU B 90 -29.09 -15.24 2.94
N LYS B 91 -28.76 -14.75 4.13
CA LYS B 91 -28.70 -13.31 4.42
C LYS B 91 -27.53 -12.67 3.64
N ARG B 92 -26.38 -13.34 3.57
CA ARG B 92 -25.23 -12.84 2.80
C ARG B 92 -25.63 -12.75 1.32
N LYS B 93 -26.27 -13.81 0.78
CA LYS B 93 -26.71 -13.83 -0.62
C LYS B 93 -27.67 -12.70 -0.95
N GLY B 94 -28.68 -12.47 -0.11
CA GLY B 94 -29.64 -11.39 -0.30
C GLY B 94 -29.03 -10.00 -0.21
N LEU B 95 -28.06 -9.80 0.70
CA LEU B 95 -27.42 -8.47 0.83
C LEU B 95 -26.55 -8.14 -0.39
N VAL B 96 -25.83 -9.13 -0.92
CA VAL B 96 -24.98 -8.98 -2.13
C VAL B 96 -25.90 -8.58 -3.30
N LYS B 97 -27.02 -9.31 -3.47
CA LYS B 97 -27.99 -8.99 -4.51
C LYS B 97 -28.57 -7.57 -4.31
N LYS B 98 -28.83 -7.19 -3.07
CA LYS B 98 -29.39 -5.85 -2.81
C LYS B 98 -28.36 -4.77 -3.23
N VAL B 99 -27.11 -4.92 -2.82
CA VAL B 99 -26.02 -3.98 -3.17
C VAL B 99 -25.84 -3.92 -4.69
N GLN B 100 -25.85 -5.07 -5.37
CA GLN B 100 -25.70 -5.18 -6.82
C GLN B 100 -26.86 -4.49 -7.58
N ALA B 101 -28.07 -4.54 -7.04
CA ALA B 101 -29.20 -3.79 -7.65
C ALA B 101 -29.01 -2.27 -7.45
N PHE B 102 -28.43 -1.85 -6.33
CA PHE B 102 -28.15 -0.43 -6.07
C PHE B 102 -27.00 0.08 -6.97
N LEU B 103 -26.03 -0.78 -7.28
CA LEU B 103 -24.92 -0.44 -8.19
C LEU B 103 -25.43 -0.24 -9.60
N ALA B 104 -26.37 -1.12 -10.05
CA ALA B 104 -27.05 -1.00 -11.35
C ALA B 104 -27.79 0.36 -11.41
N GLU B 105 -28.37 0.81 -10.27
CA GLU B 105 -29.06 2.13 -10.23
C GLU B 105 -28.07 3.27 -10.31
N CYS B 106 -26.91 3.11 -9.64
CA CYS B 106 -25.80 4.06 -9.67
C CYS B 106 -25.30 4.25 -11.11
N ASP B 107 -25.14 3.14 -11.85
CA ASP B 107 -24.69 3.08 -13.23
C ASP B 107 -25.65 3.82 -14.16
N THR B 108 -26.97 3.66 -13.91
CA THR B 108 -28.02 4.41 -14.65
C THR B 108 -27.84 5.93 -14.46
N VAL B 109 -27.54 6.39 -13.24
CA VAL B 109 -27.28 7.83 -12.99
C VAL B 109 -26.03 8.28 -13.80
N GLU B 110 -24.96 7.48 -13.80
CA GLU B 110 -23.75 7.76 -14.58
C GLU B 110 -24.02 7.83 -16.11
N GLN B 111 -24.96 6.97 -16.61
CA GLN B 111 -25.42 6.88 -18.02
C GLN B 111 -26.22 8.11 -18.44
N ASN B 112 -26.63 8.95 -17.49
CA ASN B 112 -27.48 10.10 -17.76
C ASN B 112 -26.79 11.43 -17.50
N ILE B 113 -25.66 11.41 -16.77
CA ILE B 113 -24.93 12.64 -16.44
C ILE B 113 -23.52 12.63 -17.06
N CYS B 114 -22.94 13.85 -17.28
CA CYS B 114 -21.62 14.09 -17.89
C CYS B 114 -21.55 13.43 -19.31
N GLN B 115 -22.65 13.55 -20.08
CA GLN B 115 -22.85 12.97 -21.43
C GLN B 115 -22.77 14.00 -22.58
N GLU B 116 -22.45 13.52 -23.80
CA GLU B 116 -22.34 14.36 -25.00
C GLU B 116 -22.77 13.59 -26.25
#